data_4OPM
#
_entry.id   4OPM
#
_cell.length_a   100.398
_cell.length_b   66.902
_cell.length_c   110.380
_cell.angle_alpha   90.000
_cell.angle_beta   95.580
_cell.angle_gamma   90.000
#
_symmetry.space_group_name_H-M   'C 1 2 1'
#
loop_
_entity.id
_entity.type
_entity.pdbx_description
1 polymer Lipase
2 non-polymer 'POLYETHYLENE GLYCOL (N=34)'
3 non-polymer 2-{2-[2-(2-{2-[2-(2-ETHOXY-ETHOXY)-ETHOXY]-ETHOXY}-ETHOXY)-ETHOXY]-ETHOXY}-ETHANOL
4 non-polymer GLYCEROL
5 non-polymer 'SULFATE ION'
6 water water
#
_entity_poly.entity_id   1
_entity_poly.type   'polypeptide(L)'
_entity_poly.pdbx_seq_one_letter_code
;GADNIDVSFQTILQQERNWAGLQSKSLKVGDITWSYSEGGSSTKPTLLLIHGLAGSRDNWNRVAHYLTTNYHVIIPDLPG
SGETIVSQDFDYSVPNLAEKLRRFVEAANLKGPIHIAGHSLGGSIALLYAGQYPFETKSLFLVDSGGIFRSANTIYLKDP
TYLKQLLVSKKGDFNYLLKQT(MSE)FNPPFIPKEFLQAQEKL(MSE)INQAPQTQKLVDQLIALNKVYTPDSFAVLTKT
IDAPTLILWGKQDKIINVEVANELKRLLKNAQPPVILENVGH(MSE)PILEAEQLVIQQYVPFLLKVETNQSSKTTTP
;
_entity_poly.pdbx_strand_id   A,B
#
# COMPACT_ATOMS: atom_id res chain seq x y z
N GLY A 1 16.85 20.84 -12.85
CA GLY A 1 17.26 21.51 -11.62
C GLY A 1 18.27 20.69 -10.87
N ALA A 2 18.28 20.85 -9.55
CA ALA A 2 19.23 20.19 -8.64
C ALA A 2 18.70 18.89 -8.01
N ASP A 3 17.49 18.42 -8.36
CA ASP A 3 16.91 17.22 -7.75
C ASP A 3 16.52 16.14 -8.78
N ASN A 4 17.27 16.02 -9.88
CA ASN A 4 16.98 15.04 -10.92
CA ASN A 4 16.93 15.04 -10.90
C ASN A 4 17.29 13.63 -10.44
N ILE A 5 16.37 12.72 -10.72
CA ILE A 5 16.48 11.29 -10.45
C ILE A 5 16.79 10.67 -11.80
N ASP A 6 17.90 9.94 -11.87
CA ASP A 6 18.34 9.28 -13.09
C ASP A 6 18.60 7.83 -12.70
N VAL A 7 17.72 6.94 -13.15
CA VAL A 7 17.78 5.53 -12.76
C VAL A 7 17.20 4.66 -13.87
N SER A 8 17.70 3.43 -13.99
CA SER A 8 17.15 2.44 -14.90
C SER A 8 15.91 1.82 -14.24
N PHE A 9 14.83 1.59 -15.00
CA PHE A 9 13.63 0.95 -14.48
C PHE A 9 13.95 -0.46 -13.98
N GLN A 10 14.91 -1.16 -14.63
CA GLN A 10 15.33 -2.50 -14.21
C GLN A 10 15.91 -2.44 -12.79
N THR A 11 16.67 -1.36 -12.45
CA THR A 11 17.25 -1.14 -11.12
C THR A 11 16.10 -0.93 -10.11
N ILE A 12 15.03 -0.22 -10.51
CA ILE A 12 13.84 0.00 -9.66
C ILE A 12 13.21 -1.36 -9.32
N LEU A 13 13.01 -2.22 -10.34
CA LEU A 13 12.43 -3.55 -10.14
C LEU A 13 13.30 -4.37 -9.20
N GLN A 14 14.62 -4.31 -9.36
CA GLN A 14 15.55 -5.03 -8.47
C GLN A 14 15.36 -4.59 -7.01
N GLN A 15 15.26 -3.28 -6.80
CA GLN A 15 15.08 -2.70 -5.46
CA GLN A 15 15.10 -2.71 -5.46
C GLN A 15 13.75 -3.12 -4.85
N GLU A 16 12.67 -3.17 -5.67
CA GLU A 16 11.36 -3.57 -5.16
C GLU A 16 11.40 -5.05 -4.74
N ARG A 17 12.06 -5.92 -5.53
CA ARG A 17 12.20 -7.34 -5.18
C ARG A 17 12.96 -7.48 -3.85
N ASN A 18 14.04 -6.68 -3.68
CA ASN A 18 14.82 -6.70 -2.44
C ASN A 18 13.94 -6.29 -1.23
N TRP A 19 13.10 -5.25 -1.40
CA TRP A 19 12.17 -4.77 -0.38
C TRP A 19 11.15 -5.88 0.00
N ALA A 20 10.75 -6.69 -1.00
CA ALA A 20 9.82 -7.80 -0.80
C ALA A 20 10.50 -9.03 -0.16
N GLY A 21 11.83 -8.96 0.03
CA GLY A 21 12.62 -10.06 0.57
C GLY A 21 12.84 -11.16 -0.46
N LEU A 22 12.91 -10.78 -1.75
CA LEU A 22 13.10 -11.69 -2.86
C LEU A 22 14.41 -11.49 -3.57
N GLN A 23 14.92 -12.57 -4.16
CA GLN A 23 16.09 -12.53 -5.04
C GLN A 23 15.72 -13.18 -6.37
N SER A 24 16.36 -12.76 -7.45
CA SER A 24 16.09 -13.27 -8.79
C SER A 24 16.99 -14.46 -9.06
N LYS A 25 16.36 -15.53 -9.55
CA LYS A 25 17.04 -16.79 -9.85
C LYS A 25 16.65 -17.25 -11.25
N SER A 26 17.43 -18.20 -11.78
CA SER A 26 17.22 -18.77 -13.10
CA SER A 26 17.17 -18.78 -13.09
C SER A 26 17.38 -20.29 -13.04
N LEU A 27 16.56 -21.01 -13.80
CA LEU A 27 16.67 -22.46 -13.82
C LEU A 27 16.29 -23.02 -15.19
N LYS A 28 17.20 -23.77 -15.83
CA LYS A 28 16.90 -24.37 -17.13
C LYS A 28 16.23 -25.72 -16.88
N VAL A 29 15.03 -25.87 -17.42
CA VAL A 29 14.21 -27.09 -17.31
C VAL A 29 13.79 -27.46 -18.74
N GLY A 30 14.39 -28.52 -19.29
CA GLY A 30 14.13 -28.92 -20.67
C GLY A 30 14.50 -27.80 -21.61
N ASP A 31 13.54 -27.35 -22.43
CA ASP A 31 13.77 -26.27 -23.40
C ASP A 31 13.32 -24.89 -22.88
N ILE A 32 13.13 -24.74 -21.55
CA ILE A 32 12.70 -23.47 -20.96
C ILE A 32 13.72 -23.01 -19.95
N THR A 33 14.13 -21.73 -20.03
CA THR A 33 14.97 -21.12 -19.00
C THR A 33 14.03 -20.27 -18.16
N TRP A 34 13.68 -20.78 -16.98
CA TRP A 34 12.76 -20.09 -16.10
C TRP A 34 13.46 -18.98 -15.33
N SER A 35 12.83 -17.81 -15.29
CA SER A 35 13.20 -16.69 -14.44
C SER A 35 12.21 -16.72 -13.28
N TYR A 36 12.69 -16.62 -12.03
CA TYR A 36 11.78 -16.64 -10.90
C TYR A 36 12.35 -15.89 -9.71
N SER A 37 11.46 -15.40 -8.85
CA SER A 37 11.83 -14.76 -7.59
C SER A 37 11.73 -15.79 -6.49
N GLU A 38 12.63 -15.70 -5.51
CA GLU A 38 12.62 -16.61 -4.38
C GLU A 38 12.93 -15.84 -3.12
N GLY A 39 12.18 -16.13 -2.07
CA GLY A 39 12.38 -15.51 -0.76
C GLY A 39 11.99 -16.41 0.39
N GLY A 40 12.45 -16.03 1.59
CA GLY A 40 12.18 -16.78 2.81
C GLY A 40 13.05 -18.01 2.99
N SER A 41 12.95 -18.62 4.17
CA SER A 41 13.73 -19.80 4.54
C SER A 41 13.14 -21.07 3.93
N SER A 42 14.02 -21.98 3.50
CA SER A 42 13.64 -23.28 2.96
C SER A 42 13.03 -24.19 4.07
N THR A 43 13.17 -23.80 5.36
CA THR A 43 12.59 -24.51 6.50
C THR A 43 11.08 -24.22 6.65
N LYS A 44 10.59 -23.20 5.93
CA LYS A 44 9.22 -22.72 6.02
C LYS A 44 8.33 -23.35 4.94
N PRO A 45 6.98 -23.38 5.13
CA PRO A 45 6.11 -23.98 4.10
C PRO A 45 6.23 -23.24 2.76
N THR A 46 6.26 -24.01 1.66
CA THR A 46 6.41 -23.47 0.32
C THR A 46 5.12 -22.86 -0.21
N LEU A 47 5.26 -21.67 -0.82
CA LEU A 47 4.16 -20.92 -1.48
CA LEU A 47 4.18 -20.92 -1.43
C LEU A 47 4.55 -20.64 -2.91
N LEU A 48 3.71 -21.10 -3.85
CA LEU A 48 3.93 -20.85 -5.28
C LEU A 48 2.92 -19.80 -5.74
N LEU A 49 3.41 -18.65 -6.23
CA LEU A 49 2.55 -17.53 -6.67
C LEU A 49 2.60 -17.42 -8.16
N ILE A 50 1.40 -17.51 -8.81
CA ILE A 50 1.29 -17.53 -10.27
C ILE A 50 0.60 -16.29 -10.80
N HIS A 51 1.33 -15.46 -11.58
CA HIS A 51 0.78 -14.23 -12.19
C HIS A 51 -0.17 -14.57 -13.36
N GLY A 52 -0.82 -13.53 -13.88
CA GLY A 52 -1.78 -13.66 -14.98
C GLY A 52 -1.25 -13.27 -16.34
N LEU A 53 -2.17 -13.17 -17.33
CA LEU A 53 -1.85 -12.89 -18.74
C LEU A 53 -1.15 -11.55 -18.89
N ALA A 54 0.01 -11.55 -19.60
CA ALA A 54 0.88 -10.38 -19.86
C ALA A 54 1.45 -9.78 -18.56
N GLY A 55 1.27 -10.48 -17.44
CA GLY A 55 1.83 -10.05 -16.17
C GLY A 55 3.25 -10.54 -16.01
N SER A 56 3.75 -10.57 -14.76
CA SER A 56 5.10 -11.06 -14.46
C SER A 56 5.19 -11.38 -12.98
N ARG A 57 6.30 -12.02 -12.56
CA ARG A 57 6.54 -12.31 -11.16
C ARG A 57 6.44 -11.06 -10.27
N ASP A 58 6.82 -9.87 -10.80
CA ASP A 58 6.79 -8.63 -10.01
C ASP A 58 5.38 -8.17 -9.63
N ASN A 59 4.33 -8.73 -10.28
CA ASN A 59 2.94 -8.42 -9.89
C ASN A 59 2.65 -8.83 -8.43
N TRP A 60 3.40 -9.84 -7.92
CA TRP A 60 3.22 -10.38 -6.59
C TRP A 60 4.11 -9.71 -5.51
N ASN A 61 4.97 -8.74 -5.88
CA ASN A 61 5.94 -8.16 -4.95
C ASN A 61 5.31 -7.58 -3.69
N ARG A 62 4.22 -6.80 -3.84
CA ARG A 62 3.53 -6.13 -2.71
C ARG A 62 2.95 -7.14 -1.72
N VAL A 63 2.40 -8.25 -2.24
CA VAL A 63 1.85 -9.32 -1.40
C VAL A 63 3.01 -10.14 -0.83
N ALA A 64 3.97 -10.55 -1.70
CA ALA A 64 5.11 -11.38 -1.28
C ALA A 64 5.88 -10.75 -0.12
N HIS A 65 5.98 -9.40 -0.11
CA HIS A 65 6.66 -8.66 0.97
C HIS A 65 6.20 -9.14 2.37
N TYR A 66 4.91 -9.51 2.53
CA TYR A 66 4.35 -9.93 3.82
C TYR A 66 4.46 -11.44 4.07
N LEU A 67 4.96 -12.19 3.09
CA LEU A 67 4.99 -13.66 3.18
C LEU A 67 6.39 -14.24 3.29
N THR A 68 7.42 -13.49 2.87
CA THR A 68 8.80 -13.98 2.86
C THR A 68 9.41 -14.12 4.28
N THR A 69 8.75 -13.60 5.34
CA THR A 69 9.31 -13.78 6.69
C THR A 69 8.97 -15.19 7.18
N ASN A 70 7.70 -15.60 7.05
CA ASN A 70 7.25 -16.88 7.58
C ASN A 70 7.01 -17.98 6.54
N TYR A 71 7.22 -17.70 5.23
CA TYR A 71 7.04 -18.69 4.19
C TYR A 71 8.18 -18.73 3.20
N HIS A 72 8.29 -19.85 2.46
CA HIS A 72 9.28 -20.04 1.39
C HIS A 72 8.54 -19.72 0.08
N VAL A 73 8.77 -18.53 -0.46
CA VAL A 73 8.00 -18.01 -1.58
C VAL A 73 8.73 -18.22 -2.91
N ILE A 74 8.00 -18.77 -3.90
CA ILE A 74 8.52 -19.02 -5.26
C ILE A 74 7.59 -18.34 -6.26
N ILE A 75 8.14 -17.46 -7.10
CA ILE A 75 7.30 -16.68 -8.04
C ILE A 75 7.90 -16.71 -9.43
N PRO A 76 7.41 -17.61 -10.30
CA PRO A 76 7.99 -17.68 -11.63
C PRO A 76 7.42 -16.69 -12.62
N ASP A 77 8.26 -16.31 -13.59
CA ASP A 77 7.82 -15.63 -14.79
C ASP A 77 7.33 -16.72 -15.72
N LEU A 78 6.05 -16.73 -16.06
CA LEU A 78 5.58 -17.76 -16.98
C LEU A 78 6.10 -17.51 -18.38
N PRO A 79 6.20 -18.57 -19.22
CA PRO A 79 6.52 -18.36 -20.65
C PRO A 79 5.68 -17.22 -21.25
N GLY A 80 6.35 -16.32 -21.96
CA GLY A 80 5.74 -15.16 -22.57
C GLY A 80 5.86 -13.91 -21.72
N SER A 81 6.39 -14.07 -20.47
CA SER A 81 6.52 -12.98 -19.51
C SER A 81 7.91 -12.85 -18.94
N GLY A 82 8.20 -11.63 -18.47
CA GLY A 82 9.46 -11.30 -17.80
C GLY A 82 10.69 -11.76 -18.52
N GLU A 83 11.58 -12.46 -17.79
CA GLU A 83 12.86 -12.93 -18.35
C GLU A 83 12.88 -14.43 -18.66
N THR A 84 11.72 -15.12 -18.61
CA THR A 84 11.67 -16.54 -18.95
C THR A 84 11.85 -16.67 -20.46
N ILE A 85 12.72 -17.61 -20.89
CA ILE A 85 13.04 -17.83 -22.30
C ILE A 85 12.52 -19.19 -22.74
N VAL A 86 11.80 -19.18 -23.87
CA VAL A 86 11.23 -20.39 -24.50
C VAL A 86 11.58 -20.36 -26.00
N SER A 87 11.31 -21.45 -26.69
CA SER A 87 11.55 -21.55 -28.15
C SER A 87 10.61 -20.62 -28.92
N GLN A 88 10.97 -20.32 -30.18
CA GLN A 88 10.18 -19.44 -31.04
CA GLN A 88 10.19 -19.45 -31.08
C GLN A 88 8.81 -20.06 -31.38
N ASP A 89 8.71 -21.42 -31.36
CA ASP A 89 7.48 -22.16 -31.67
CA ASP A 89 7.47 -22.14 -31.67
C ASP A 89 6.80 -22.73 -30.40
N PHE A 90 7.08 -22.15 -29.23
CA PHE A 90 6.53 -22.63 -27.96
C PHE A 90 4.99 -22.74 -27.94
N ASP A 91 4.50 -23.77 -27.24
CA ASP A 91 3.08 -24.04 -27.01
C ASP A 91 2.61 -23.27 -25.75
N TYR A 92 1.87 -22.17 -25.95
CA TYR A 92 1.40 -21.30 -24.87
C TYR A 92 0.01 -21.68 -24.33
N SER A 93 -0.48 -22.91 -24.61
CA SER A 93 -1.80 -23.31 -24.10
C SER A 93 -1.76 -23.47 -22.58
N VAL A 94 -2.90 -23.22 -21.91
CA VAL A 94 -3.04 -23.37 -20.44
C VAL A 94 -2.62 -24.82 -20.04
N PRO A 95 -3.06 -25.92 -20.72
CA PRO A 95 -2.58 -27.26 -20.34
C PRO A 95 -1.04 -27.38 -20.36
N ASN A 96 -0.37 -26.78 -21.38
CA ASN A 96 1.10 -26.85 -21.46
C ASN A 96 1.75 -25.99 -20.37
N LEU A 97 1.16 -24.82 -20.06
CA LEU A 97 1.69 -23.97 -19.00
C LEU A 97 1.62 -24.71 -17.64
N ALA A 98 0.49 -25.40 -17.36
CA ALA A 98 0.33 -26.14 -16.11
C ALA A 98 1.33 -27.32 -16.00
N GLU A 99 1.48 -28.09 -17.10
CA GLU A 99 2.40 -29.23 -17.12
C GLU A 99 3.85 -28.73 -17.01
N LYS A 100 4.23 -27.64 -17.73
CA LYS A 100 5.61 -27.14 -17.67
C LYS A 100 5.89 -26.51 -16.29
N LEU A 101 4.86 -25.91 -15.65
CA LEU A 101 5.01 -25.39 -14.31
C LEU A 101 5.28 -26.55 -13.34
N ARG A 102 4.60 -27.71 -13.52
CA ARG A 102 4.88 -28.89 -12.69
C ARG A 102 6.35 -29.34 -12.88
N ARG A 103 6.85 -29.36 -14.13
CA ARG A 103 8.25 -29.75 -14.42
C ARG A 103 9.22 -28.79 -13.69
N PHE A 104 8.87 -27.49 -13.67
CA PHE A 104 9.64 -26.47 -12.97
C PHE A 104 9.66 -26.75 -11.45
N VAL A 105 8.49 -27.02 -10.84
CA VAL A 105 8.36 -27.33 -9.40
C VAL A 105 9.25 -28.54 -9.05
N GLU A 106 9.24 -29.56 -9.90
CA GLU A 106 10.08 -30.76 -9.72
C GLU A 106 11.57 -30.42 -9.82
N ALA A 107 11.96 -29.66 -10.84
CA ALA A 107 13.37 -29.27 -11.05
C ALA A 107 13.88 -28.31 -9.96
N ALA A 108 12.97 -27.49 -9.38
CA ALA A 108 13.32 -26.55 -8.30
C ALA A 108 13.43 -27.27 -6.95
N ASN A 109 13.12 -28.60 -6.96
CA ASN A 109 13.14 -29.52 -5.82
CA ASN A 109 13.17 -29.51 -5.82
C ASN A 109 12.26 -29.02 -4.67
N LEU A 110 11.04 -28.58 -5.01
CA LEU A 110 10.01 -28.14 -4.07
C LEU A 110 9.10 -29.36 -3.85
N LYS A 111 9.44 -30.17 -2.83
CA LYS A 111 8.77 -31.45 -2.55
C LYS A 111 7.54 -31.29 -1.64
N GLY A 112 6.72 -32.36 -1.60
CA GLY A 112 5.51 -32.43 -0.80
C GLY A 112 4.39 -31.48 -1.24
N PRO A 113 3.32 -31.34 -0.43
CA PRO A 113 2.22 -30.46 -0.84
C PRO A 113 2.63 -28.99 -0.67
N ILE A 114 2.33 -28.18 -1.69
CA ILE A 114 2.69 -26.77 -1.64
CA ILE A 114 2.68 -26.77 -1.71
C ILE A 114 1.42 -25.90 -1.73
N HIS A 115 1.49 -24.73 -1.07
CA HIS A 115 0.40 -23.76 -1.10
C HIS A 115 0.48 -23.06 -2.46
N ILE A 116 -0.63 -22.95 -3.17
CA ILE A 116 -0.60 -22.33 -4.49
C ILE A 116 -1.57 -21.15 -4.55
N ALA A 117 -1.13 -20.04 -5.16
CA ALA A 117 -1.97 -18.85 -5.34
C ALA A 117 -1.90 -18.43 -6.79
N GLY A 118 -3.03 -18.04 -7.33
CA GLY A 118 -3.10 -17.64 -8.74
C GLY A 118 -3.96 -16.42 -8.95
N HIS A 119 -3.43 -15.45 -9.71
CA HIS A 119 -4.19 -14.27 -10.08
C HIS A 119 -4.65 -14.40 -11.54
N SER A 120 -5.97 -14.18 -11.80
CA SER A 120 -6.52 -14.12 -13.16
C SER A 120 -6.18 -15.43 -13.95
N LEU A 121 -5.42 -15.37 -15.07
CA LEU A 121 -5.02 -16.58 -15.81
C LEU A 121 -4.16 -17.51 -14.91
N GLY A 122 -3.46 -16.91 -13.95
CA GLY A 122 -2.68 -17.67 -12.97
C GLY A 122 -3.59 -18.55 -12.12
N GLY A 123 -4.80 -18.05 -11.83
CA GLY A 123 -5.81 -18.81 -11.09
C GLY A 123 -6.26 -20.01 -11.91
N SER A 124 -6.43 -19.83 -13.24
CA SER A 124 -6.83 -20.93 -14.14
C SER A 124 -5.77 -22.02 -14.14
N ILE A 125 -4.50 -21.64 -14.21
CA ILE A 125 -3.35 -22.54 -14.18
C ILE A 125 -3.31 -23.26 -12.82
N ALA A 126 -3.52 -22.51 -11.70
CA ALA A 126 -3.54 -23.07 -10.36
C ALA A 126 -4.62 -24.17 -10.22
N LEU A 127 -5.82 -23.92 -10.80
CA LEU A 127 -6.94 -24.86 -10.81
C LEU A 127 -6.58 -26.15 -11.56
N LEU A 128 -5.97 -26.02 -12.75
CA LEU A 128 -5.57 -27.18 -13.54
C LEU A 128 -4.49 -27.98 -12.79
N TYR A 129 -3.54 -27.28 -12.17
CA TYR A 129 -2.48 -27.88 -11.38
C TYR A 129 -3.06 -28.68 -10.20
N ALA A 130 -4.01 -28.05 -9.44
CA ALA A 130 -4.66 -28.66 -8.28
C ALA A 130 -5.44 -29.92 -8.64
N GLY A 131 -6.05 -29.91 -9.83
CA GLY A 131 -6.81 -31.04 -10.34
C GLY A 131 -5.94 -32.18 -10.83
N GLN A 132 -4.82 -31.85 -11.52
CA GLN A 132 -3.92 -32.85 -12.08
C GLN A 132 -2.95 -33.40 -11.03
N TYR A 133 -2.55 -32.58 -10.03
CA TYR A 133 -1.59 -32.96 -9.00
C TYR A 133 -2.19 -32.71 -7.58
N PRO A 134 -3.29 -33.43 -7.19
CA PRO A 134 -3.94 -33.14 -5.89
C PRO A 134 -3.10 -33.41 -4.65
N PHE A 135 -2.28 -34.47 -4.66
CA PHE A 135 -1.45 -34.80 -3.50
C PHE A 135 -0.27 -33.84 -3.36
N GLU A 136 -0.02 -33.01 -4.40
CA GLU A 136 1.07 -32.02 -4.45
CA GLU A 136 1.08 -32.04 -4.40
C GLU A 136 0.56 -30.61 -4.13
N THR A 137 -0.75 -30.47 -3.89
CA THR A 137 -1.41 -29.19 -3.64
C THR A 137 -1.94 -29.14 -2.19
N LYS A 138 -1.36 -28.29 -1.35
CA LYS A 138 -1.74 -28.14 0.06
C LYS A 138 -2.93 -27.21 0.23
N SER A 139 -2.99 -26.16 -0.61
CA SER A 139 -4.08 -25.17 -0.56
C SER A 139 -4.11 -24.40 -1.85
N LEU A 140 -5.24 -23.74 -2.10
CA LEU A 140 -5.45 -22.94 -3.29
CA LEU A 140 -5.45 -22.92 -3.28
C LEU A 140 -5.96 -21.55 -2.92
N PHE A 141 -5.37 -20.50 -3.50
CA PHE A 141 -5.82 -19.14 -3.26
C PHE A 141 -6.12 -18.54 -4.62
N LEU A 142 -7.40 -18.29 -4.89
CA LEU A 142 -7.83 -17.79 -6.18
C LEU A 142 -8.18 -16.32 -6.08
N VAL A 143 -7.42 -15.49 -6.79
CA VAL A 143 -7.64 -14.04 -6.81
C VAL A 143 -8.19 -13.65 -8.19
N ASP A 144 -9.49 -13.34 -8.28
CA ASP A 144 -10.16 -12.96 -9.55
C ASP A 144 -9.75 -13.96 -10.66
N SER A 145 -9.84 -15.25 -10.34
CA SER A 145 -9.39 -16.33 -11.20
C SER A 145 -10.22 -16.50 -12.46
N GLY A 146 -9.55 -16.94 -13.51
CA GLY A 146 -10.23 -17.32 -14.74
C GLY A 146 -10.87 -18.69 -14.57
N GLY A 147 -11.56 -19.12 -15.60
CA GLY A 147 -12.27 -20.39 -15.64
C GLY A 147 -13.37 -20.29 -16.67
N ILE A 148 -14.26 -21.27 -16.70
CA ILE A 148 -15.37 -21.27 -17.67
C ILE A 148 -16.64 -21.36 -16.83
N PHE A 149 -17.37 -20.23 -16.75
CA PHE A 149 -18.46 -20.05 -15.81
C PHE A 149 -19.84 -19.86 -16.43
N ARG A 150 -20.86 -20.41 -15.76
CA ARG A 150 -22.26 -20.21 -16.15
C ARG A 150 -22.71 -18.80 -15.80
N SER A 151 -22.12 -18.20 -14.73
CA SER A 151 -22.50 -16.88 -14.24
C SER A 151 -21.70 -15.75 -14.93
N ALA A 152 -20.89 -16.12 -15.97
CA ALA A 152 -20.09 -15.17 -16.77
C ALA A 152 -20.99 -14.06 -17.32
N ASN A 153 -20.59 -12.81 -17.11
CA ASN A 153 -21.41 -11.68 -17.55
C ASN A 153 -20.52 -10.48 -17.96
N THR A 154 -19.37 -10.76 -18.57
CA THR A 154 -18.52 -9.72 -19.14
C THR A 154 -18.31 -10.05 -20.60
N ILE A 155 -17.95 -9.05 -21.40
CA ILE A 155 -17.70 -9.24 -22.83
CA ILE A 155 -17.68 -9.23 -22.83
C ILE A 155 -16.46 -10.16 -23.04
N TYR A 156 -15.45 -10.11 -22.13
CA TYR A 156 -14.24 -10.92 -22.25
C TYR A 156 -14.50 -12.40 -22.03
N LEU A 157 -15.42 -12.74 -21.13
CA LEU A 157 -15.76 -14.15 -20.85
C LEU A 157 -16.72 -14.69 -21.92
N LYS A 158 -17.70 -13.86 -22.34
CA LYS A 158 -18.72 -14.26 -23.33
C LYS A 158 -18.09 -14.45 -24.72
N ASP A 159 -17.11 -13.60 -25.06
CA ASP A 159 -16.39 -13.70 -26.32
C ASP A 159 -14.92 -13.32 -26.08
N PRO A 160 -14.05 -14.33 -25.81
CA PRO A 160 -12.63 -14.05 -25.52
C PRO A 160 -11.88 -13.34 -26.65
N THR A 161 -12.48 -13.13 -27.86
CA THR A 161 -11.79 -12.37 -28.92
CA THR A 161 -11.78 -12.36 -28.90
C THR A 161 -11.60 -10.93 -28.42
N TYR A 162 -12.47 -10.47 -27.47
CA TYR A 162 -12.38 -9.13 -26.89
C TYR A 162 -11.13 -8.97 -26.00
N LEU A 163 -10.48 -10.10 -25.60
CA LEU A 163 -9.20 -10.05 -24.87
C LEU A 163 -8.11 -9.36 -25.74
N LYS A 164 -8.29 -9.35 -27.08
CA LYS A 164 -7.35 -8.68 -27.98
C LYS A 164 -7.32 -7.15 -27.74
N GLN A 165 -8.44 -6.56 -27.24
CA GLN A 165 -8.54 -5.12 -26.94
C GLN A 165 -7.68 -4.73 -25.73
N LEU A 166 -7.28 -5.73 -24.93
CA LEU A 166 -6.49 -5.54 -23.71
C LEU A 166 -4.98 -5.71 -23.96
N LEU A 167 -4.59 -6.07 -25.20
CA LEU A 167 -3.19 -6.24 -25.60
CA LEU A 167 -3.18 -6.25 -25.57
C LEU A 167 -2.46 -4.91 -25.61
N VAL A 168 -1.24 -4.87 -25.06
CA VAL A 168 -0.41 -3.66 -25.05
CA VAL A 168 -0.47 -3.63 -25.10
C VAL A 168 0.60 -3.80 -26.20
N SER A 169 0.33 -3.14 -27.34
CA SER A 169 1.15 -3.24 -28.55
CA SER A 169 1.18 -3.24 -28.53
C SER A 169 1.72 -1.88 -28.99
N LYS A 170 1.14 -0.78 -28.51
CA LYS A 170 1.59 0.56 -28.90
C LYS A 170 1.47 1.53 -27.73
N LYS A 171 2.16 2.68 -27.80
CA LYS A 171 2.12 3.71 -26.74
C LYS A 171 0.67 4.15 -26.48
N GLY A 172 0.33 4.23 -25.20
CA GLY A 172 -1.01 4.60 -24.76
C GLY A 172 -1.88 3.40 -24.41
N ASP A 173 -1.51 2.19 -24.89
CA ASP A 173 -2.28 0.98 -24.60
C ASP A 173 -2.25 0.58 -23.12
N PHE A 174 -1.13 0.83 -22.41
CA PHE A 174 -1.04 0.43 -21.00
C PHE A 174 -2.04 1.21 -20.16
N ASN A 175 -2.21 2.54 -20.41
CA ASN A 175 -3.20 3.35 -19.71
C ASN A 175 -4.61 2.79 -19.93
N TYR A 176 -4.92 2.35 -21.17
CA TYR A 176 -6.23 1.76 -21.48
C TYR A 176 -6.43 0.47 -20.66
N LEU A 177 -5.42 -0.40 -20.65
CA LEU A 177 -5.47 -1.66 -19.90
C LEU A 177 -5.72 -1.42 -18.41
N LEU A 178 -4.98 -0.46 -17.80
CA LEU A 178 -5.13 -0.15 -16.38
C LEU A 178 -6.55 0.30 -16.04
N LYS A 179 -7.20 1.04 -16.97
CA LYS A 179 -8.58 1.51 -16.80
C LYS A 179 -9.57 0.35 -16.79
N GLN A 180 -9.21 -0.78 -17.43
CA GLN A 180 -10.10 -1.94 -17.45
C GLN A 180 -9.82 -2.92 -16.33
N THR A 181 -8.54 -3.02 -15.90
CA THR A 181 -8.15 -4.06 -14.94
C THR A 181 -8.12 -3.60 -13.49
N PHE A 183 -9.61 -0.71 -10.36
CA PHE A 183 -10.53 0.32 -9.87
C PHE A 183 -9.75 1.28 -8.94
N ASN A 184 -8.81 0.72 -8.17
CA ASN A 184 -7.97 1.49 -7.24
C ASN A 184 -6.50 1.28 -7.59
N PRO A 185 -6.02 1.69 -8.81
CA PRO A 185 -4.62 1.43 -9.15
C PRO A 185 -3.67 2.07 -8.16
N PRO A 186 -2.49 1.47 -7.91
CA PRO A 186 -1.54 2.10 -6.98
C PRO A 186 -0.85 3.30 -7.64
N PHE A 187 -0.03 4.02 -6.87
CA PHE A 187 0.69 5.14 -7.46
C PHE A 187 1.75 4.62 -8.45
N ILE A 188 1.68 5.10 -9.69
CA ILE A 188 2.63 4.71 -10.73
C ILE A 188 3.13 5.99 -11.40
N PRO A 189 4.38 6.42 -11.12
CA PRO A 189 4.92 7.59 -11.83
C PRO A 189 4.81 7.37 -13.36
N LYS A 190 4.50 8.44 -14.11
CA LYS A 190 4.34 8.43 -15.59
C LYS A 190 5.56 7.73 -16.26
N GLU A 191 6.76 8.04 -15.75
CA GLU A 191 8.04 7.51 -16.27
C GLU A 191 8.11 5.98 -16.07
N PHE A 192 7.58 5.47 -14.93
CA PHE A 192 7.52 4.04 -14.64
C PHE A 192 6.49 3.35 -15.52
N LEU A 193 5.33 4.01 -15.73
CA LEU A 193 4.24 3.51 -16.57
C LEU A 193 4.78 3.29 -18.00
N GLN A 194 5.51 4.27 -18.54
CA GLN A 194 6.08 4.23 -19.89
C GLN A 194 7.13 3.14 -20.03
N ALA A 195 7.97 2.92 -18.99
CA ALA A 195 8.98 1.87 -18.97
C ALA A 195 8.31 0.49 -18.93
N GLN A 196 7.28 0.32 -18.08
CA GLN A 196 6.55 -0.95 -18.01
C GLN A 196 5.82 -1.24 -19.32
N GLU A 197 5.19 -0.21 -19.90
CA GLU A 197 4.48 -0.34 -21.19
C GLU A 197 5.41 -0.87 -22.29
N LYS A 198 6.64 -0.31 -22.36
CA LYS A 198 7.63 -0.72 -23.36
C LYS A 198 7.97 -2.22 -23.22
N LEU A 199 8.12 -2.73 -21.98
CA LEU A 199 8.40 -4.15 -21.73
C LEU A 199 7.24 -5.03 -22.21
N ILE A 201 5.03 -4.15 -24.63
CA ILE A 201 5.03 -4.04 -26.08
C ILE A 201 6.05 -5.05 -26.67
N ASN A 202 7.21 -5.22 -26.01
CA ASN A 202 8.25 -6.15 -26.47
C ASN A 202 7.79 -7.62 -26.37
N GLN A 203 6.89 -7.93 -25.42
CA GLN A 203 6.36 -9.28 -25.23
C GLN A 203 5.08 -9.54 -26.07
N ALA A 204 4.49 -8.48 -26.68
CA ALA A 204 3.22 -8.53 -27.43
C ALA A 204 3.11 -9.72 -28.42
N PRO A 205 4.12 -10.09 -29.26
CA PRO A 205 3.94 -11.27 -30.14
C PRO A 205 3.64 -12.55 -29.34
N GLN A 206 4.24 -12.69 -28.15
CA GLN A 206 4.04 -13.86 -27.28
C GLN A 206 2.66 -13.79 -26.62
N THR A 207 2.26 -12.61 -26.13
CA THR A 207 0.96 -12.41 -25.50
C THR A 207 -0.16 -12.72 -26.52
N GLN A 208 0.03 -12.30 -27.79
CA GLN A 208 -0.94 -12.57 -28.85
C GLN A 208 -1.11 -14.09 -29.02
N LYS A 209 -0.01 -14.86 -28.96
CA LYS A 209 -0.04 -16.32 -29.09
C LYS A 209 -0.82 -16.93 -27.91
N LEU A 210 -0.56 -16.43 -26.69
CA LEU A 210 -1.26 -16.86 -25.47
CA LEU A 210 -1.26 -16.93 -25.50
C LEU A 210 -2.77 -16.64 -25.61
N VAL A 211 -3.16 -15.44 -26.06
CA VAL A 211 -4.57 -15.05 -26.26
C VAL A 211 -5.22 -15.96 -27.32
N ASP A 212 -4.54 -16.20 -28.45
CA ASP A 212 -5.12 -17.06 -29.49
C ASP A 212 -5.39 -18.47 -28.96
N GLN A 213 -4.49 -18.99 -28.11
CA GLN A 213 -4.59 -20.30 -27.47
CA GLN A 213 -4.67 -20.33 -27.57
C GLN A 213 -5.78 -20.32 -26.50
N LEU A 214 -5.97 -19.20 -25.77
CA LEU A 214 -7.08 -19.05 -24.81
C LEU A 214 -8.42 -19.07 -25.54
N ILE A 215 -8.49 -18.34 -26.67
CA ILE A 215 -9.69 -18.28 -27.51
C ILE A 215 -10.05 -19.71 -27.98
N ALA A 216 -9.04 -20.46 -28.50
CA ALA A 216 -9.21 -21.83 -28.96
C ALA A 216 -9.64 -22.76 -27.80
N LEU A 217 -9.03 -22.62 -26.60
CA LEU A 217 -9.36 -23.43 -25.41
C LEU A 217 -10.84 -23.22 -25.01
N ASN A 218 -11.29 -21.95 -25.04
CA ASN A 218 -12.68 -21.60 -24.70
C ASN A 218 -13.69 -22.19 -25.74
N LYS A 219 -13.24 -22.42 -26.99
CA LYS A 219 -14.10 -23.04 -28.01
C LYS A 219 -14.22 -24.53 -27.77
N VAL A 220 -13.19 -25.17 -27.21
CA VAL A 220 -13.16 -26.62 -26.97
C VAL A 220 -13.93 -27.01 -25.70
N TYR A 221 -13.65 -26.30 -24.59
CA TYR A 221 -14.23 -26.63 -23.29
C TYR A 221 -15.38 -25.71 -22.91
N THR A 222 -16.24 -26.20 -22.03
CA THR A 222 -17.45 -25.50 -21.61
C THR A 222 -17.54 -25.36 -20.08
N PRO A 223 -18.59 -24.69 -19.52
CA PRO A 223 -18.74 -24.70 -18.05
C PRO A 223 -18.93 -26.13 -17.51
N ASP A 224 -19.53 -27.06 -18.32
CA ASP A 224 -19.65 -28.48 -17.96
C ASP A 224 -18.26 -29.10 -17.74
N SER A 225 -17.30 -28.81 -18.64
CA SER A 225 -15.91 -29.28 -18.55
C SER A 225 -15.25 -28.75 -17.28
N PHE A 226 -15.50 -27.47 -16.98
CA PHE A 226 -14.94 -26.80 -15.83
C PHE A 226 -15.47 -27.41 -14.53
N ALA A 227 -16.77 -27.81 -14.51
CA ALA A 227 -17.39 -28.45 -13.35
C ALA A 227 -16.76 -29.83 -13.10
N VAL A 228 -16.40 -30.54 -14.20
CA VAL A 228 -15.74 -31.86 -14.10
C VAL A 228 -14.35 -31.67 -13.46
N LEU A 229 -13.60 -30.65 -13.90
CA LEU A 229 -12.28 -30.35 -13.35
C LEU A 229 -12.37 -29.98 -11.85
N THR A 230 -13.25 -29.02 -11.50
CA THR A 230 -13.36 -28.52 -10.12
C THR A 230 -13.88 -29.61 -9.15
N LYS A 231 -14.68 -30.58 -9.65
CA LYS A 231 -15.19 -31.71 -8.86
C LYS A 231 -14.02 -32.54 -8.27
N THR A 232 -12.89 -32.59 -8.99
CA THR A 232 -11.72 -33.38 -8.59
C THR A 232 -10.79 -32.62 -7.60
N ILE A 233 -11.05 -31.33 -7.32
CA ILE A 233 -10.20 -30.51 -6.45
C ILE A 233 -10.72 -30.53 -5.00
N ASP A 234 -9.95 -31.14 -4.09
CA ASP A 234 -10.33 -31.25 -2.67
C ASP A 234 -9.53 -30.27 -1.81
N ALA A 235 -8.58 -29.56 -2.41
CA ALA A 235 -7.70 -28.63 -1.68
C ALA A 235 -8.52 -27.54 -0.94
N PRO A 236 -8.16 -27.21 0.34
CA PRO A 236 -8.82 -26.07 1.00
C PRO A 236 -8.56 -24.83 0.15
N THR A 237 -9.61 -24.04 -0.15
CA THR A 237 -9.49 -22.94 -1.09
C THR A 237 -10.03 -21.63 -0.52
N LEU A 238 -9.26 -20.56 -0.75
CA LEU A 238 -9.60 -19.20 -0.42
C LEU A 238 -9.87 -18.47 -1.72
N ILE A 239 -11.00 -17.75 -1.79
CA ILE A 239 -11.38 -17.01 -3.00
C ILE A 239 -11.46 -15.56 -2.63
N LEU A 240 -10.81 -14.70 -3.40
CA LEU A 240 -10.86 -13.26 -3.15
C LEU A 240 -11.12 -12.54 -4.48
N TRP A 241 -12.02 -11.55 -4.45
CA TRP A 241 -12.40 -10.80 -5.63
C TRP A 241 -12.44 -9.32 -5.38
N GLY A 242 -12.30 -8.55 -6.45
CA GLY A 242 -12.56 -7.12 -6.42
C GLY A 242 -14.00 -6.96 -6.86
N LYS A 243 -14.82 -6.28 -6.05
CA LYS A 243 -16.25 -6.09 -6.35
C LYS A 243 -16.44 -5.43 -7.74
N GLN A 244 -15.54 -4.50 -8.10
CA GLN A 244 -15.63 -3.73 -9.35
C GLN A 244 -14.93 -4.39 -10.55
N ASP A 245 -14.49 -5.66 -10.41
CA ASP A 245 -13.82 -6.39 -11.49
C ASP A 245 -14.61 -6.33 -12.81
N LYS A 246 -14.01 -5.70 -13.85
CA LYS A 246 -14.62 -5.54 -15.18
C LYS A 246 -14.29 -6.69 -16.12
N ILE A 247 -13.25 -7.46 -15.79
CA ILE A 247 -12.75 -8.54 -16.64
C ILE A 247 -13.53 -9.83 -16.37
N ILE A 248 -13.61 -10.22 -15.09
CA ILE A 248 -14.31 -11.41 -14.60
C ILE A 248 -15.26 -10.92 -13.52
N ASN A 249 -16.58 -10.88 -13.82
CA ASN A 249 -17.59 -10.33 -12.91
C ASN A 249 -17.63 -11.08 -11.58
N VAL A 250 -17.85 -10.32 -10.49
CA VAL A 250 -17.84 -10.77 -9.09
C VAL A 250 -18.77 -12.00 -8.83
N GLU A 251 -19.88 -12.17 -9.59
CA GLU A 251 -20.82 -13.30 -9.39
C GLU A 251 -20.13 -14.66 -9.52
N VAL A 252 -19.06 -14.68 -10.32
CA VAL A 252 -18.23 -15.85 -10.58
C VAL A 252 -17.58 -16.36 -9.27
N ALA A 253 -17.26 -15.46 -8.30
CA ALA A 253 -16.69 -15.85 -6.99
C ALA A 253 -17.62 -16.87 -6.27
N ASN A 254 -18.94 -16.63 -6.32
CA ASN A 254 -19.92 -17.54 -5.70
C ASN A 254 -20.01 -18.84 -6.47
N GLU A 255 -19.87 -18.78 -7.80
CA GLU A 255 -19.89 -20.01 -8.61
C GLU A 255 -18.67 -20.90 -8.24
N LEU A 256 -17.46 -20.29 -8.11
CA LEU A 256 -16.26 -21.04 -7.71
C LEU A 256 -16.46 -21.68 -6.34
N LYS A 257 -17.09 -20.94 -5.40
CA LYS A 257 -17.41 -21.43 -4.06
C LYS A 257 -18.32 -22.67 -4.15
N ARG A 258 -19.36 -22.62 -5.02
CA ARG A 258 -20.29 -23.74 -5.20
C ARG A 258 -19.59 -24.96 -5.83
N LEU A 259 -18.61 -24.72 -6.74
CA LEU A 259 -17.92 -25.77 -7.47
C LEU A 259 -16.82 -26.47 -6.68
N LEU A 260 -16.19 -25.76 -5.74
CA LEU A 260 -15.08 -26.33 -4.97
C LEU A 260 -15.54 -26.76 -3.58
N LYS A 261 -15.46 -28.09 -3.32
CA LYS A 261 -15.87 -28.77 -2.08
C LYS A 261 -15.35 -28.09 -0.80
N ASN A 262 -14.07 -27.74 -0.76
CA ASN A 262 -13.44 -27.18 0.44
C ASN A 262 -13.08 -25.70 0.28
N ALA A 263 -13.88 -24.97 -0.47
CA ALA A 263 -13.69 -23.52 -0.58
C ALA A 263 -14.39 -22.84 0.58
N GLN A 264 -13.77 -21.79 1.10
CA GLN A 264 -14.31 -20.93 2.16
C GLN A 264 -15.24 -19.89 1.54
N PRO A 265 -16.10 -19.18 2.31
CA PRO A 265 -16.90 -18.08 1.72
C PRO A 265 -15.98 -17.04 1.06
N PRO A 266 -16.28 -16.59 -0.18
CA PRO A 266 -15.38 -15.63 -0.86
C PRO A 266 -15.27 -14.30 -0.13
N VAL A 267 -14.10 -13.68 -0.26
CA VAL A 267 -13.85 -12.34 0.29
C VAL A 267 -14.03 -11.36 -0.86
N ILE A 268 -14.97 -10.42 -0.71
CA ILE A 268 -15.26 -9.44 -1.77
C ILE A 268 -14.80 -8.07 -1.31
N LEU A 269 -13.77 -7.55 -1.99
CA LEU A 269 -13.20 -6.24 -1.63
C LEU A 269 -13.94 -5.13 -2.34
N GLU A 270 -14.58 -4.21 -1.57
CA GLU A 270 -15.25 -3.06 -2.17
C GLU A 270 -14.20 -2.12 -2.77
N ASN A 271 -14.57 -1.39 -3.85
CA ASN A 271 -13.72 -0.38 -4.50
C ASN A 271 -12.37 -0.95 -4.98
N VAL A 272 -12.39 -2.20 -5.43
CA VAL A 272 -11.22 -2.90 -5.97
C VAL A 272 -11.66 -3.59 -7.27
N GLY A 273 -10.79 -3.58 -8.28
CA GLY A 273 -11.05 -4.19 -9.57
C GLY A 273 -10.48 -5.58 -9.70
N HIS A 274 -10.00 -5.90 -10.90
CA HIS A 274 -9.49 -7.24 -11.23
C HIS A 274 -8.12 -7.57 -10.60
N PRO A 276 -6.57 -7.19 -7.07
CA PRO A 276 -6.40 -6.88 -5.63
C PRO A 276 -4.94 -6.97 -5.13
N ILE A 277 -4.11 -7.84 -5.75
CA ILE A 277 -2.71 -8.02 -5.33
C ILE A 277 -1.89 -6.71 -5.49
N LEU A 278 -2.32 -5.80 -6.38
CA LEU A 278 -1.67 -4.49 -6.56
C LEU A 278 -2.55 -3.34 -6.06
N GLU A 279 -3.89 -3.54 -6.02
CA GLU A 279 -4.80 -2.47 -5.59
C GLU A 279 -5.05 -2.45 -4.07
N ALA A 280 -4.89 -3.60 -3.39
CA ALA A 280 -5.23 -3.72 -1.96
C ALA A 280 -4.43 -4.83 -1.28
N GLU A 281 -3.08 -4.81 -1.43
CA GLU A 281 -2.24 -5.91 -0.91
C GLU A 281 -2.37 -6.13 0.60
N GLN A 282 -2.59 -5.06 1.40
CA GLN A 282 -2.70 -5.25 2.85
C GLN A 282 -4.01 -5.97 3.20
N LEU A 283 -5.07 -5.68 2.45
CA LEU A 283 -6.38 -6.33 2.63
C LEU A 283 -6.32 -7.79 2.16
N VAL A 284 -5.54 -8.08 1.11
CA VAL A 284 -5.34 -9.44 0.62
C VAL A 284 -4.63 -10.26 1.70
N ILE A 285 -3.53 -9.72 2.24
CA ILE A 285 -2.73 -10.37 3.29
C ILE A 285 -3.54 -10.56 4.57
N GLN A 286 -4.43 -9.60 4.89
CA GLN A 286 -5.29 -9.70 6.08
C GLN A 286 -6.14 -10.98 6.04
N GLN A 287 -6.50 -11.46 4.84
CA GLN A 287 -7.25 -12.70 4.66
C GLN A 287 -6.34 -13.92 4.44
N TYR A 288 -5.29 -13.77 3.61
CA TYR A 288 -4.46 -14.91 3.22
C TYR A 288 -3.59 -15.49 4.37
N VAL A 289 -2.96 -14.63 5.19
CA VAL A 289 -2.10 -15.11 6.28
C VAL A 289 -2.94 -15.98 7.30
N PRO A 290 -4.13 -15.56 7.81
CA PRO A 290 -4.89 -16.47 8.71
C PRO A 290 -5.32 -17.77 8.01
N PHE A 291 -5.60 -17.72 6.69
CA PHE A 291 -5.97 -18.90 5.89
C PHE A 291 -4.80 -19.90 5.88
N LEU A 292 -3.58 -19.42 5.55
CA LEU A 292 -2.37 -20.26 5.53
C LEU A 292 -2.11 -20.85 6.91
N LEU A 293 -2.28 -20.04 7.99
CA LEU A 293 -2.05 -20.54 9.36
CA LEU A 293 -2.07 -20.55 9.37
C LEU A 293 -3.04 -21.68 9.68
N LYS A 294 -4.31 -21.52 9.29
CA LYS A 294 -5.37 -22.51 9.52
C LYS A 294 -5.05 -23.82 8.78
N VAL A 295 -4.63 -23.74 7.49
CA VAL A 295 -4.29 -24.92 6.68
C VAL A 295 -3.08 -25.63 7.31
N GLU A 296 -2.07 -24.88 7.75
CA GLU A 296 -0.87 -25.42 8.38
C GLU A 296 -1.18 -26.14 9.69
N THR A 297 -2.12 -25.60 10.51
CA THR A 297 -2.53 -26.15 11.80
CA THR A 297 -2.50 -26.19 11.79
C THR A 297 -3.33 -27.44 11.59
N ASN A 298 -4.24 -27.44 10.59
CA ASN A 298 -5.11 -28.58 10.26
C ASN A 298 -4.31 -29.76 9.67
N GLN A 299 -3.16 -29.47 9.02
CA GLN A 299 -2.28 -30.48 8.43
C GLN A 299 -1.46 -31.15 9.53
N GLY B 1 15.95 5.78 -23.88
CA GLY B 1 14.73 5.03 -24.18
C GLY B 1 13.80 4.97 -22.99
N ALA B 2 12.75 4.11 -23.07
CA ALA B 2 11.74 4.00 -22.00
C ALA B 2 12.31 3.50 -20.66
N ASP B 3 13.37 2.65 -20.69
CA ASP B 3 13.97 2.16 -19.43
C ASP B 3 14.66 3.30 -18.64
N ASN B 4 15.13 4.34 -19.34
CA ASN B 4 15.85 5.44 -18.72
C ASN B 4 14.87 6.42 -18.08
N ILE B 5 14.81 6.43 -16.76
CA ILE B 5 13.99 7.36 -15.99
C ILE B 5 14.85 8.60 -15.72
N ASP B 6 14.38 9.77 -16.11
CA ASP B 6 15.05 11.05 -15.85
C ASP B 6 13.95 12.00 -15.48
N VAL B 7 13.80 12.27 -14.17
CA VAL B 7 12.69 13.04 -13.68
C VAL B 7 13.09 13.76 -12.40
N SER B 8 12.55 14.97 -12.20
CA SER B 8 12.79 15.73 -10.99
CA SER B 8 12.83 15.71 -10.99
C SER B 8 12.05 15.09 -9.82
N PHE B 9 12.65 15.06 -8.64
CA PHE B 9 11.97 14.51 -7.46
C PHE B 9 10.71 15.30 -7.15
N GLN B 10 10.73 16.64 -7.38
CA GLN B 10 9.54 17.49 -7.16
C GLN B 10 8.38 17.02 -8.06
N THR B 11 8.68 16.60 -9.32
CA THR B 11 7.68 16.09 -10.26
C THR B 11 7.09 14.76 -9.74
N ILE B 12 7.94 13.94 -9.12
CA ILE B 12 7.48 12.65 -8.52
C ILE B 12 6.46 12.98 -7.41
N LEU B 13 6.80 13.91 -6.51
CA LEU B 13 5.90 14.34 -5.43
C LEU B 13 4.57 14.86 -5.99
N GLN B 14 4.64 15.67 -7.06
CA GLN B 14 3.44 16.21 -7.73
C GLN B 14 2.54 15.07 -8.24
N GLN B 15 3.15 14.04 -8.86
CA GLN B 15 2.42 12.89 -9.38
CA GLN B 15 2.42 12.90 -9.39
C GLN B 15 1.77 12.08 -8.25
N GLU B 16 2.46 11.92 -7.11
CA GLU B 16 1.87 11.19 -5.97
C GLU B 16 0.66 11.96 -5.43
N ARG B 17 0.79 13.29 -5.30
CA ARG B 17 -0.33 14.14 -4.84
C ARG B 17 -1.52 13.98 -5.79
N ASN B 18 -1.26 14.00 -7.10
CA ASN B 18 -2.30 13.83 -8.12
C ASN B 18 -3.00 12.46 -7.97
N TRP B 19 -2.22 11.39 -7.71
CA TRP B 19 -2.76 10.05 -7.48
C TRP B 19 -3.66 10.03 -6.22
N ALA B 20 -3.30 10.82 -5.21
CA ALA B 20 -4.06 10.94 -3.97
C ALA B 20 -5.31 11.84 -4.14
N GLY B 21 -5.48 12.44 -5.30
CA GLY B 21 -6.59 13.35 -5.59
C GLY B 21 -6.36 14.72 -4.96
N LEU B 22 -5.07 15.11 -4.80
CA LEU B 22 -4.70 16.38 -4.19
C LEU B 22 -4.05 17.34 -5.17
N GLN B 23 -4.18 18.64 -4.91
CA GLN B 23 -3.47 19.69 -5.64
C GLN B 23 -2.76 20.59 -4.62
N SER B 24 -1.65 21.22 -5.04
CA SER B 24 -0.88 22.10 -4.15
C SER B 24 -1.42 23.51 -4.23
N LYS B 25 -1.60 24.13 -3.06
CA LYS B 25 -2.10 25.49 -2.93
C LYS B 25 -1.25 26.25 -1.93
N SER B 26 -1.41 27.57 -1.91
CA SER B 26 -0.74 28.38 -0.92
C SER B 26 -1.64 29.54 -0.50
N LEU B 27 -1.47 29.98 0.74
CA LEU B 27 -2.30 31.02 1.30
C LEU B 27 -1.52 31.88 2.30
N LYS B 28 -1.51 33.20 2.07
CA LYS B 28 -0.86 34.16 2.94
CA LYS B 28 -0.86 34.16 2.97
C LYS B 28 -1.81 34.47 4.11
N VAL B 29 -1.37 34.19 5.36
CA VAL B 29 -2.15 34.44 6.57
C VAL B 29 -1.23 35.20 7.51
N GLY B 30 -1.39 36.52 7.57
CA GLY B 30 -0.53 37.38 8.38
C GLY B 30 0.91 37.27 7.91
N ASP B 31 1.83 36.90 8.81
CA ASP B 31 3.25 36.76 8.46
C ASP B 31 3.64 35.32 8.13
N ILE B 32 2.66 34.46 7.77
CA ILE B 32 2.93 33.09 7.37
C ILE B 32 2.38 32.86 5.96
N THR B 33 3.18 32.27 5.07
CA THR B 33 2.69 31.84 3.76
C THR B 33 2.53 30.34 3.86
N TRP B 34 1.30 29.87 4.01
CA TRP B 34 1.04 28.44 4.16
C TRP B 34 1.06 27.72 2.84
N SER B 35 1.75 26.58 2.79
CA SER B 35 1.70 25.63 1.70
C SER B 35 0.80 24.49 2.15
N TYR B 36 -0.13 24.05 1.31
CA TYR B 36 -1.01 22.96 1.68
C TYR B 36 -1.53 22.20 0.48
N SER B 37 -1.89 20.93 0.72
CA SER B 37 -2.53 20.08 -0.27
C SER B 37 -4.01 20.17 -0.05
N GLU B 38 -4.78 20.12 -1.13
CA GLU B 38 -6.24 20.17 -1.03
C GLU B 38 -6.83 19.19 -2.04
N GLY B 39 -7.82 18.43 -1.59
CA GLY B 39 -8.52 17.48 -2.44
C GLY B 39 -9.96 17.31 -2.04
N GLY B 40 -10.73 16.72 -2.97
CA GLY B 40 -12.15 16.47 -2.77
C GLY B 40 -13.01 17.70 -3.02
N SER B 41 -14.32 17.49 -3.14
CA SER B 41 -15.23 18.63 -3.35
C SER B 41 -15.28 19.49 -2.09
N SER B 42 -15.22 20.82 -2.26
CA SER B 42 -15.25 21.73 -1.12
C SER B 42 -16.62 21.74 -0.40
N THR B 43 -17.65 21.03 -0.95
CA THR B 43 -18.95 20.94 -0.30
C THR B 43 -19.02 19.69 0.61
N LYS B 44 -18.01 18.80 0.57
CA LYS B 44 -17.95 17.61 1.43
C LYS B 44 -17.43 17.96 2.88
N PRO B 45 -17.63 17.10 3.92
CA PRO B 45 -17.12 17.47 5.26
C PRO B 45 -15.61 17.68 5.25
N THR B 46 -15.15 18.75 5.93
CA THR B 46 -13.74 19.10 5.97
C THR B 46 -12.96 18.16 6.87
N LEU B 47 -11.78 17.72 6.35
CA LEU B 47 -10.81 16.85 7.04
CA LEU B 47 -10.86 16.86 7.08
C LEU B 47 -9.47 17.52 7.06
N LEU B 48 -8.96 17.85 8.26
CA LEU B 48 -7.66 18.50 8.42
C LEU B 48 -6.65 17.46 8.90
N LEU B 49 -5.61 17.20 8.09
CA LEU B 49 -4.57 16.21 8.40
C LEU B 49 -3.30 16.91 8.78
N ILE B 50 -2.78 16.63 10.00
CA ILE B 50 -1.61 17.31 10.53
C ILE B 50 -0.42 16.37 10.67
N HIS B 51 0.66 16.64 9.91
CA HIS B 51 1.90 15.83 9.95
C HIS B 51 2.71 16.09 11.25
N GLY B 52 3.74 15.29 11.45
CA GLY B 52 4.60 15.41 12.64
C GLY B 52 5.93 16.11 12.41
N LEU B 53 6.81 15.99 13.41
CA LEU B 53 8.13 16.63 13.44
C LEU B 53 8.99 16.19 12.27
N ALA B 54 9.53 17.16 11.51
CA ALA B 54 10.39 16.97 10.32
C ALA B 54 9.64 16.31 9.16
N GLY B 55 8.33 16.18 9.29
CA GLY B 55 7.51 15.60 8.25
C GLY B 55 7.06 16.66 7.27
N SER B 56 6.04 16.34 6.48
CA SER B 56 5.46 17.30 5.54
C SER B 56 4.06 16.83 5.17
N ARG B 57 3.34 17.66 4.42
CA ARG B 57 1.98 17.28 3.97
C ARG B 57 1.99 15.95 3.21
N ASP B 58 3.08 15.63 2.46
CA ASP B 58 3.14 14.38 1.67
C ASP B 58 3.12 13.10 2.53
N ASN B 59 3.39 13.22 3.86
CA ASN B 59 3.30 12.05 4.75
C ASN B 59 1.89 11.42 4.72
N TRP B 60 0.86 12.24 4.44
CA TRP B 60 -0.55 11.84 4.43
C TRP B 60 -1.07 11.39 3.07
N ASN B 61 -0.25 11.43 2.00
CA ASN B 61 -0.74 11.11 0.64
C ASN B 61 -1.40 9.73 0.52
N ARG B 62 -0.81 8.68 1.13
CA ARG B 62 -1.31 7.29 1.01
C ARG B 62 -2.66 7.14 1.68
N VAL B 63 -2.86 7.82 2.83
CA VAL B 63 -4.15 7.80 3.52
C VAL B 63 -5.14 8.74 2.80
N ALA B 64 -4.68 9.96 2.44
CA ALA B 64 -5.54 10.97 1.78
C ALA B 64 -6.15 10.42 0.48
N HIS B 65 -5.41 9.55 -0.26
CA HIS B 65 -5.89 8.90 -1.49
C HIS B 65 -7.32 8.30 -1.29
N TYR B 66 -7.60 7.76 -0.11
CA TYR B 66 -8.88 7.09 0.20
C TYR B 66 -9.93 8.03 0.79
N LEU B 67 -9.57 9.29 1.02
CA LEU B 67 -10.47 10.24 1.67
C LEU B 67 -10.94 11.35 0.76
N THR B 68 -10.23 11.59 -0.35
CA THR B 68 -10.56 12.69 -1.26
C THR B 68 -11.83 12.42 -2.10
N THR B 69 -12.39 11.21 -2.08
CA THR B 69 -13.63 10.98 -2.83
C THR B 69 -14.81 11.55 -2.01
N ASN B 70 -14.86 11.25 -0.70
CA ASN B 70 -15.99 11.62 0.15
C ASN B 70 -15.73 12.76 1.13
N TYR B 71 -14.50 13.26 1.19
CA TYR B 71 -14.21 14.36 2.12
C TYR B 71 -13.42 15.47 1.45
N HIS B 72 -13.48 16.66 2.04
CA HIS B 72 -12.71 17.82 1.61
C HIS B 72 -11.48 17.84 2.46
N VAL B 73 -10.38 17.33 1.90
CA VAL B 73 -9.14 17.11 2.63
C VAL B 73 -8.19 18.31 2.52
N ILE B 74 -7.70 18.77 3.68
CA ILE B 74 -6.76 19.89 3.78
C ILE B 74 -5.51 19.42 4.54
N ILE B 75 -4.34 19.55 3.91
CA ILE B 75 -3.11 19.03 4.51
C ILE B 75 -2.03 20.09 4.47
N PRO B 76 -1.86 20.84 5.57
CA PRO B 76 -0.85 21.90 5.54
C PRO B 76 0.55 21.39 5.80
N ASP B 77 1.51 22.12 5.24
CA ASP B 77 2.91 22.02 5.63
C ASP B 77 3.02 22.90 6.88
N LEU B 78 3.37 22.32 8.02
CA LEU B 78 3.51 23.15 9.21
C LEU B 78 4.76 24.03 9.11
N PRO B 79 4.79 25.17 9.83
CA PRO B 79 6.04 25.95 9.92
C PRO B 79 7.25 25.04 10.18
N GLY B 80 8.30 25.25 9.40
CA GLY B 80 9.54 24.47 9.47
C GLY B 80 9.56 23.31 8.50
N SER B 81 8.44 23.08 7.78
CA SER B 81 8.33 21.98 6.83
C SER B 81 7.88 22.44 5.44
N GLY B 82 8.23 21.64 4.44
CA GLY B 82 7.81 21.83 3.06
C GLY B 82 7.99 23.23 2.52
N GLU B 83 6.90 23.81 1.97
CA GLU B 83 7.01 25.13 1.36
C GLU B 83 6.35 26.23 2.19
N THR B 84 5.99 25.95 3.47
CA THR B 84 5.42 26.98 4.34
C THR B 84 6.56 27.93 4.75
N ILE B 85 6.32 29.26 4.63
CA ILE B 85 7.29 30.32 4.96
CA ILE B 85 7.30 30.29 4.95
C ILE B 85 6.86 31.05 6.21
N VAL B 86 7.79 31.22 7.15
CA VAL B 86 7.59 31.94 8.41
C VAL B 86 8.78 32.87 8.61
N SER B 87 8.65 33.77 9.59
CA SER B 87 9.70 34.72 9.96
CA SER B 87 9.69 34.72 9.97
C SER B 87 10.96 33.98 10.41
N GLN B 88 12.13 34.62 10.30
CA GLN B 88 13.40 34.01 10.69
C GLN B 88 13.45 33.81 12.25
N ASP B 89 12.63 34.58 13.02
CA ASP B 89 12.56 34.48 14.48
CA ASP B 89 12.55 34.50 14.49
C ASP B 89 11.20 33.90 14.95
N PHE B 90 10.56 33.08 14.10
CA PHE B 90 9.27 32.45 14.39
C PHE B 90 9.27 31.63 15.68
N ASP B 91 8.12 31.67 16.38
CA ASP B 91 7.88 30.91 17.60
C ASP B 91 7.34 29.51 17.21
N TYR B 92 8.22 28.48 17.27
CA TYR B 92 7.87 27.11 16.88
C TYR B 92 7.26 26.27 18.03
N SER B 93 6.81 26.91 19.12
CA SER B 93 6.18 26.17 20.22
C SER B 93 4.86 25.55 19.74
N VAL B 94 4.53 24.37 20.29
CA VAL B 94 3.29 23.64 19.99
C VAL B 94 2.06 24.59 20.19
N PRO B 95 1.96 25.37 21.31
CA PRO B 95 0.82 26.30 21.43
C PRO B 95 0.72 27.30 20.29
N ASN B 96 1.85 27.87 19.81
CA ASN B 96 1.81 28.82 18.70
C ASN B 96 1.45 28.11 17.38
N LEU B 97 1.92 26.87 17.17
CA LEU B 97 1.57 26.10 15.97
C LEU B 97 0.06 25.86 15.91
N ALA B 98 -0.55 25.51 17.06
CA ALA B 98 -2.00 25.25 17.16
C ALA B 98 -2.81 26.54 16.89
N GLU B 99 -2.39 27.67 17.49
CA GLU B 99 -3.08 28.95 17.31
C GLU B 99 -2.94 29.43 15.85
N LYS B 100 -1.73 29.32 15.27
CA LYS B 100 -1.53 29.77 13.89
C LYS B 100 -2.26 28.85 12.90
N LEU B 101 -2.39 27.55 13.23
CA LEU B 101 -3.17 26.62 12.42
C LEU B 101 -4.66 27.04 12.44
N ARG B 102 -5.17 27.49 13.62
CA ARG B 102 -6.55 27.98 13.70
C ARG B 102 -6.75 29.20 12.78
N ARG B 103 -5.77 30.14 12.77
CA ARG B 103 -5.81 31.33 11.91
C ARG B 103 -5.86 30.90 10.43
N PHE B 104 -5.11 29.85 10.07
CA PHE B 104 -5.09 29.29 8.71
C PHE B 104 -6.48 28.75 8.36
N VAL B 105 -7.08 27.93 9.25
CA VAL B 105 -8.40 27.33 9.03
C VAL B 105 -9.44 28.46 8.77
N GLU B 106 -9.38 29.54 9.56
CA GLU B 106 -10.28 30.68 9.43
C GLU B 106 -10.08 31.40 8.08
N ALA B 107 -8.81 31.69 7.72
CA ALA B 107 -8.47 32.39 6.47
C ALA B 107 -8.78 31.56 5.23
N ALA B 108 -8.73 30.20 5.35
CA ALA B 108 -9.02 29.28 4.25
C ALA B 108 -10.54 29.15 4.03
N ASN B 109 -11.35 29.81 4.89
CA ASN B 109 -12.82 29.82 4.82
C ASN B 109 -13.39 28.38 5.04
N LEU B 110 -12.79 27.64 5.98
CA LEU B 110 -13.23 26.28 6.36
C LEU B 110 -14.03 26.44 7.68
N LYS B 111 -15.32 26.77 7.57
CA LYS B 111 -16.18 27.06 8.73
C LYS B 111 -16.79 25.81 9.39
N GLY B 112 -17.30 26.00 10.61
CA GLY B 112 -17.96 24.94 11.36
C GLY B 112 -17.05 23.85 11.90
N PRO B 113 -17.61 22.74 12.43
CA PRO B 113 -16.75 21.70 13.01
C PRO B 113 -16.06 20.90 11.92
N ILE B 114 -14.75 20.65 12.13
CA ILE B 114 -13.98 19.88 11.15
CA ILE B 114 -13.92 19.92 11.17
C ILE B 114 -13.42 18.63 11.80
N HIS B 115 -13.22 17.60 10.98
CA HIS B 115 -12.60 16.35 11.43
C HIS B 115 -11.11 16.63 11.45
N ILE B 116 -10.43 16.28 12.53
CA ILE B 116 -8.97 16.51 12.63
CA ILE B 116 -8.99 16.53 12.62
C ILE B 116 -8.24 15.22 12.90
N ALA B 117 -7.12 15.02 12.20
CA ALA B 117 -6.26 13.86 12.38
C ALA B 117 -4.85 14.36 12.56
N GLY B 118 -4.13 13.76 13.49
CA GLY B 118 -2.75 14.15 13.74
C GLY B 118 -1.85 12.96 13.95
N HIS B 119 -0.68 12.99 13.27
CA HIS B 119 0.35 11.97 13.44
C HIS B 119 1.48 12.51 14.32
N SER B 120 1.88 11.75 15.36
CA SER B 120 3.06 12.06 16.19
C SER B 120 2.93 13.49 16.80
N LEU B 121 3.86 14.43 16.51
CA LEU B 121 3.73 15.82 17.00
C LEU B 121 2.41 16.48 16.46
N GLY B 122 1.96 16.03 15.29
CA GLY B 122 0.69 16.47 14.71
C GLY B 122 -0.48 16.10 15.61
N GLY B 123 -0.37 14.95 16.30
CA GLY B 123 -1.37 14.50 17.27
C GLY B 123 -1.40 15.44 18.47
N SER B 124 -0.21 15.87 18.93
CA SER B 124 -0.12 16.85 20.05
C SER B 124 -0.81 18.16 19.69
N ILE B 125 -0.58 18.65 18.45
CA ILE B 125 -1.19 19.88 17.93
C ILE B 125 -2.71 19.68 17.84
N ALA B 126 -3.15 18.50 17.31
CA ALA B 126 -4.58 18.18 17.18
C ALA B 126 -5.28 18.19 18.55
N LEU B 127 -4.60 17.64 19.59
CA LEU B 127 -5.11 17.61 20.97
C LEU B 127 -5.31 19.03 21.50
N LEU B 128 -4.31 19.89 21.33
CA LEU B 128 -4.39 21.29 21.78
C LEU B 128 -5.49 22.03 21.02
N TYR B 129 -5.60 21.81 19.71
CA TYR B 129 -6.64 22.40 18.86
C TYR B 129 -8.04 21.99 19.36
N ALA B 130 -8.24 20.67 19.63
CA ALA B 130 -9.52 20.10 20.11
C ALA B 130 -9.93 20.68 21.46
N GLY B 131 -8.94 20.91 22.33
CA GLY B 131 -9.16 21.46 23.65
C GLY B 131 -9.46 22.96 23.64
N GLN B 132 -8.76 23.71 22.77
CA GLN B 132 -8.92 25.17 22.67
C GLN B 132 -10.12 25.56 21.82
N TYR B 133 -10.47 24.74 20.80
CA TYR B 133 -11.57 25.06 19.88
C TYR B 133 -12.55 23.85 19.83
N PRO B 134 -13.23 23.51 20.96
CA PRO B 134 -14.11 22.32 20.96
C PRO B 134 -15.30 22.40 20.01
N PHE B 135 -15.91 23.59 19.85
CA PHE B 135 -17.06 23.76 18.96
C PHE B 135 -16.64 23.74 17.47
N GLU B 136 -15.33 23.79 17.20
CA GLU B 136 -14.81 23.78 15.83
C GLU B 136 -14.20 22.42 15.51
N THR B 137 -14.28 21.45 16.44
CA THR B 137 -13.71 20.11 16.29
C THR B 137 -14.83 19.07 16.24
N LYS B 138 -15.01 18.44 15.06
CA LYS B 138 -16.06 17.44 14.86
C LYS B 138 -15.63 16.07 15.35
N SER B 139 -14.34 15.74 15.17
CA SER B 139 -13.78 14.46 15.60
C SER B 139 -12.28 14.58 15.68
N LEU B 140 -11.65 13.62 16.36
CA LEU B 140 -10.20 13.61 16.55
C LEU B 140 -9.67 12.21 16.21
N PHE B 141 -8.63 12.15 15.39
CA PHE B 141 -7.98 10.88 15.07
C PHE B 141 -6.52 11.01 15.46
N LEU B 142 -6.08 10.22 16.45
CA LEU B 142 -4.72 10.30 16.96
C LEU B 142 -3.93 9.10 16.52
N VAL B 143 -2.91 9.33 15.69
CA VAL B 143 -2.06 8.25 15.17
C VAL B 143 -0.69 8.35 15.83
N ASP B 144 -0.39 7.46 16.81
CA ASP B 144 0.90 7.44 17.53
C ASP B 144 1.24 8.87 18.03
N SER B 145 0.25 9.52 18.62
CA SER B 145 0.31 10.92 19.05
C SER B 145 1.29 11.18 20.21
N GLY B 146 1.89 12.37 20.20
CA GLY B 146 2.70 12.86 21.32
C GLY B 146 1.79 13.33 22.45
N GLY B 147 2.41 13.77 23.54
CA GLY B 147 1.74 14.22 24.75
C GLY B 147 2.69 14.04 25.92
N ILE B 148 2.19 14.19 27.16
CA ILE B 148 2.98 14.00 28.38
C ILE B 148 2.34 12.84 29.13
N PHE B 149 3.03 11.71 29.16
CA PHE B 149 2.44 10.47 29.66
C PHE B 149 3.16 9.82 30.81
N ARG B 150 2.38 9.29 31.77
CA ARG B 150 2.92 8.54 32.90
C ARG B 150 3.45 7.19 32.44
N SER B 151 2.87 6.61 31.37
CA SER B 151 3.23 5.29 30.85
C SER B 151 4.34 5.34 29.77
N ALA B 152 4.85 6.54 29.42
CA ALA B 152 5.93 6.68 28.45
C ALA B 152 7.20 5.95 28.95
N ASN B 153 7.95 5.27 28.06
CA ASN B 153 9.18 4.62 28.54
C ASN B 153 10.33 4.78 27.52
N THR B 154 10.11 5.52 26.41
CA THR B 154 11.17 5.67 25.40
C THR B 154 12.14 6.79 25.79
N ILE B 155 13.37 6.73 25.24
CA ILE B 155 14.39 7.75 25.54
C ILE B 155 13.94 9.16 25.08
N TYR B 156 13.16 9.22 23.97
CA TYR B 156 12.72 10.49 23.36
C TYR B 156 11.73 11.21 24.27
N LEU B 157 10.86 10.48 24.98
CA LEU B 157 9.94 11.16 25.89
CA LEU B 157 9.91 11.09 25.92
C LEU B 157 10.57 11.34 27.27
N LYS B 158 11.53 10.47 27.63
CA LYS B 158 12.28 10.59 28.90
C LYS B 158 13.06 11.90 28.92
N ASP B 159 13.70 12.22 27.77
CA ASP B 159 14.45 13.45 27.58
C ASP B 159 14.41 13.80 26.09
N PRO B 160 13.60 14.83 25.71
CA PRO B 160 13.47 15.20 24.28
C PRO B 160 14.77 15.65 23.63
N THR B 161 15.85 15.87 24.42
CA THR B 161 17.16 16.17 23.86
C THR B 161 17.57 15.02 22.91
N TYR B 162 17.13 13.78 23.21
CA TYR B 162 17.45 12.58 22.40
C TYR B 162 16.76 12.61 21.03
N LEU B 163 15.78 13.52 20.82
CA LEU B 163 15.20 13.70 19.47
C LEU B 163 16.28 14.21 18.50
N LYS B 164 17.36 14.83 19.03
CA LYS B 164 18.48 15.32 18.23
C LYS B 164 19.17 14.16 17.48
N GLN B 165 19.08 12.90 18.00
CA GLN B 165 19.63 11.70 17.36
C GLN B 165 18.86 11.34 16.08
N LEU B 166 17.62 11.84 15.98
CA LEU B 166 16.71 11.58 14.86
C LEU B 166 16.78 12.66 13.78
N LEU B 167 17.56 13.72 14.03
CA LEU B 167 17.72 14.82 13.08
CA LEU B 167 17.69 14.81 13.06
C LEU B 167 18.48 14.35 11.84
N VAL B 168 17.98 14.71 10.66
CA VAL B 168 18.65 14.34 9.42
C VAL B 168 19.53 15.53 9.01
N SER B 169 20.85 15.44 9.27
CA SER B 169 21.73 16.58 8.97
C SER B 169 22.88 16.23 8.03
N LYS B 170 23.12 14.92 7.79
CA LYS B 170 24.17 14.45 6.89
C LYS B 170 23.72 13.18 6.16
N LYS B 171 24.40 12.82 5.05
CA LYS B 171 24.09 11.62 4.26
C LYS B 171 24.15 10.37 5.17
N GLY B 172 23.15 9.50 5.04
CA GLY B 172 23.01 8.30 5.85
C GLY B 172 22.08 8.49 7.03
N ASP B 173 21.77 9.74 7.42
CA ASP B 173 20.89 9.98 8.56
C ASP B 173 19.43 9.59 8.28
N PHE B 174 18.95 9.73 7.03
CA PHE B 174 17.57 9.40 6.72
C PHE B 174 17.33 7.88 6.91
N ASN B 175 18.28 7.03 6.49
CA ASN B 175 18.18 5.58 6.72
C ASN B 175 18.08 5.26 8.22
N TYR B 176 18.86 5.97 9.06
CA TYR B 176 18.82 5.76 10.51
C TYR B 176 17.43 6.13 11.04
N LEU B 177 16.89 7.28 10.61
CA LEU B 177 15.57 7.74 11.04
C LEU B 177 14.49 6.72 10.68
N LEU B 178 14.50 6.21 9.43
CA LEU B 178 13.51 5.22 8.99
C LEU B 178 13.55 3.96 9.85
N LYS B 179 14.76 3.55 10.28
CA LYS B 179 14.91 2.35 11.12
CA LYS B 179 14.94 2.36 11.12
C LYS B 179 14.32 2.59 12.51
N GLN B 180 14.22 3.87 12.97
CA GLN B 180 13.62 4.13 14.28
C GLN B 180 12.12 4.36 14.19
N THR B 181 11.65 4.96 13.09
CA THR B 181 10.25 5.38 12.98
C THR B 181 9.34 4.38 12.31
N PHE B 183 8.54 0.04 11.30
CA PHE B 183 8.80 -1.39 11.40
C PHE B 183 8.57 -2.04 10.05
N ASN B 184 7.56 -1.55 9.30
CA ASN B 184 7.20 -2.07 7.98
C ASN B 184 7.28 -0.93 6.96
N PRO B 185 8.49 -0.34 6.71
CA PRO B 185 8.56 0.78 5.79
C PRO B 185 8.08 0.39 4.39
N PRO B 186 7.46 1.33 3.65
CA PRO B 186 7.02 1.01 2.29
C PRO B 186 8.23 0.96 1.35
N PHE B 187 8.00 0.53 0.10
CA PHE B 187 9.12 0.49 -0.85
C PHE B 187 9.56 1.91 -1.17
N ILE B 188 10.86 2.18 -0.96
CA ILE B 188 11.42 3.50 -1.26
C ILE B 188 12.67 3.32 -2.12
N PRO B 189 12.60 3.61 -3.43
CA PRO B 189 13.82 3.53 -4.25
C PRO B 189 14.95 4.32 -3.63
N LYS B 190 16.19 3.81 -3.70
CA LYS B 190 17.40 4.44 -3.15
C LYS B 190 17.50 5.90 -3.60
N GLU B 191 17.23 6.14 -4.89
CA GLU B 191 17.30 7.45 -5.54
CA GLU B 191 17.31 7.48 -5.50
C GLU B 191 16.27 8.43 -4.89
N PHE B 192 15.06 7.91 -4.55
CA PHE B 192 14.02 8.73 -3.88
C PHE B 192 14.44 9.05 -2.46
N LEU B 193 14.99 8.05 -1.75
CA LEU B 193 15.48 8.17 -0.37
C LEU B 193 16.53 9.29 -0.31
N GLN B 194 17.50 9.26 -1.24
CA GLN B 194 18.58 10.26 -1.31
C GLN B 194 18.05 11.68 -1.59
N ALA B 195 17.06 11.80 -2.51
CA ALA B 195 16.45 13.09 -2.84
C ALA B 195 15.71 13.66 -1.63
N GLN B 196 14.92 12.83 -0.93
CA GLN B 196 14.18 13.26 0.27
C GLN B 196 15.15 13.63 1.39
N GLU B 197 16.22 12.84 1.57
CA GLU B 197 17.25 13.11 2.59
C GLU B 197 17.87 14.51 2.39
N LYS B 198 18.19 14.88 1.13
CA LYS B 198 18.78 16.20 0.85
CA LYS B 198 18.76 16.20 0.80
C LYS B 198 17.83 17.34 1.30
N LEU B 199 16.52 17.20 1.05
CA LEU B 199 15.51 18.19 1.46
C LEU B 199 15.43 18.30 2.98
N ILE B 201 17.91 17.55 5.13
CA ILE B 201 19.18 18.17 5.55
C ILE B 201 19.05 19.70 5.43
N ASN B 202 18.40 20.18 4.34
CA ASN B 202 18.17 21.62 4.11
C ASN B 202 17.24 22.23 5.15
N GLN B 203 16.26 21.45 5.69
CA GLN B 203 15.28 21.90 6.68
CA GLN B 203 15.31 21.94 6.68
C GLN B 203 15.78 21.74 8.12
N ALA B 204 16.89 20.98 8.34
CA ALA B 204 17.49 20.68 9.66
C ALA B 204 17.60 21.90 10.60
N PRO B 205 18.06 23.12 10.19
CA PRO B 205 18.07 24.26 11.14
C PRO B 205 16.68 24.60 11.70
N GLN B 206 15.61 24.44 10.89
CA GLN B 206 14.25 24.73 11.35
C GLN B 206 13.74 23.59 12.23
N THR B 207 14.05 22.32 11.87
CA THR B 207 13.66 21.15 12.68
C THR B 207 14.28 21.29 14.09
N GLN B 208 15.54 21.74 14.12
CA GLN B 208 16.28 21.96 15.37
C GLN B 208 15.55 22.99 16.24
N LYS B 209 14.96 24.03 15.63
CA LYS B 209 14.23 25.05 16.38
C LYS B 209 12.95 24.45 17.00
N LEU B 210 12.24 23.58 16.24
CA LEU B 210 11.06 22.89 16.75
C LEU B 210 11.43 21.99 17.94
N VAL B 211 12.55 21.24 17.83
CA VAL B 211 13.05 20.36 18.89
C VAL B 211 13.40 21.18 20.14
N ASP B 212 14.10 22.32 19.97
CA ASP B 212 14.47 23.17 21.10
C ASP B 212 13.21 23.67 21.85
N GLN B 213 12.10 23.99 21.12
CA GLN B 213 10.87 24.44 21.77
CA GLN B 213 10.87 24.44 21.77
C GLN B 213 10.17 23.27 22.47
N LEU B 214 10.34 22.04 21.93
CA LEU B 214 9.77 20.85 22.57
C LEU B 214 10.46 20.60 23.90
N ILE B 215 11.81 20.74 23.91
CA ILE B 215 12.62 20.56 25.10
C ILE B 215 12.16 21.55 26.20
N ALA B 216 12.00 22.84 25.82
CA ALA B 216 11.57 23.91 26.75
C ALA B 216 10.16 23.66 27.28
N LEU B 217 9.23 23.23 26.40
CA LEU B 217 7.82 22.94 26.73
C LEU B 217 7.75 21.79 27.75
N ASN B 218 8.56 20.73 27.52
CA ASN B 218 8.62 19.55 28.38
C ASN B 218 9.13 19.90 29.79
N LYS B 219 9.96 20.96 29.92
CA LYS B 219 10.42 21.41 31.23
C LYS B 219 9.29 22.06 32.03
N VAL B 220 8.32 22.68 31.33
CA VAL B 220 7.22 23.45 31.93
C VAL B 220 6.04 22.55 32.33
N TYR B 221 5.55 21.73 31.40
CA TYR B 221 4.32 20.97 31.65
C TYR B 221 4.55 19.56 32.18
N THR B 222 3.51 19.02 32.85
CA THR B 222 3.53 17.72 33.51
C THR B 222 2.40 16.80 33.05
N PRO B 223 2.38 15.49 33.45
CA PRO B 223 1.24 14.62 33.12
C PRO B 223 -0.07 15.21 33.66
N ASP B 224 -0.02 15.89 34.83
CA ASP B 224 -1.19 16.54 35.43
CA ASP B 224 -1.19 16.54 35.43
C ASP B 224 -1.74 17.61 34.47
N SER B 225 -0.85 18.43 33.84
CA SER B 225 -1.22 19.47 32.86
C SER B 225 -1.93 18.82 31.66
N PHE B 226 -1.37 17.69 31.20
CA PHE B 226 -1.91 16.96 30.06
C PHE B 226 -3.29 16.39 30.39
N ALA B 227 -3.49 15.93 31.63
CA ALA B 227 -4.78 15.38 32.07
C ALA B 227 -5.84 16.48 32.12
N VAL B 228 -5.44 17.71 32.50
CA VAL B 228 -6.33 18.87 32.54
C VAL B 228 -6.77 19.20 31.10
N LEU B 229 -5.84 19.21 30.14
CA LEU B 229 -6.16 19.46 28.74
C LEU B 229 -7.14 18.40 28.19
N THR B 230 -6.80 17.11 28.34
CA THR B 230 -7.60 16.00 27.78
C THR B 230 -9.01 15.92 28.40
N LYS B 231 -9.16 16.33 29.68
CA LYS B 231 -10.45 16.35 30.39
C LYS B 231 -11.45 17.26 29.68
N THR B 232 -10.96 18.31 28.98
CA THR B 232 -11.79 19.31 28.27
C THR B 232 -12.16 18.87 26.84
N ILE B 233 -11.60 17.75 26.36
CA ILE B 233 -11.86 17.27 24.99
C ILE B 233 -13.05 16.29 24.99
N ASP B 234 -14.16 16.74 24.38
CA ASP B 234 -15.41 15.98 24.27
CA ASP B 234 -15.41 15.97 24.29
C ASP B 234 -15.55 15.32 22.92
N ALA B 235 -14.70 15.71 21.95
CA ALA B 235 -14.77 15.19 20.58
C ALA B 235 -14.70 13.66 20.53
N PRO B 236 -15.52 13.01 19.67
CA PRO B 236 -15.35 11.56 19.48
C PRO B 236 -13.95 11.32 18.95
N THR B 237 -13.21 10.38 19.55
CA THR B 237 -11.81 10.19 19.20
C THR B 237 -11.48 8.75 18.84
N LEU B 238 -10.70 8.59 17.77
CA LEU B 238 -10.17 7.34 17.31
C LEU B 238 -8.66 7.34 17.61
N ILE B 239 -8.14 6.30 18.24
CA ILE B 239 -6.70 6.17 18.54
C ILE B 239 -6.17 4.99 17.77
N LEU B 240 -5.07 5.18 17.04
CA LEU B 240 -4.45 4.07 16.31
C LEU B 240 -2.94 4.10 16.58
N TRP B 241 -2.35 2.92 16.80
CA TRP B 241 -0.93 2.80 17.11
C TRP B 241 -0.29 1.66 16.36
N GLY B 242 1.01 1.78 16.16
CA GLY B 242 1.81 0.66 15.68
C GLY B 242 2.34 -0.04 16.92
N LYS B 243 2.10 -1.35 17.03
CA LYS B 243 2.52 -2.14 18.20
C LYS B 243 4.04 -2.01 18.45
N GLN B 244 4.84 -1.93 17.37
CA GLN B 244 6.30 -1.87 17.42
C GLN B 244 6.87 -0.44 17.51
N ASP B 245 6.01 0.58 17.75
CA ASP B 245 6.44 1.99 17.83
C ASP B 245 7.61 2.15 18.83
N LYS B 246 8.78 2.61 18.32
CA LYS B 246 10.00 2.84 19.10
C LYS B 246 10.10 4.27 19.64
N ILE B 247 9.31 5.19 19.08
CA ILE B 247 9.38 6.62 19.43
C ILE B 247 8.49 6.91 20.63
N ILE B 248 7.22 6.45 20.55
CA ILE B 248 6.21 6.58 21.61
C ILE B 248 5.64 5.17 21.79
N ASN B 249 5.98 4.53 22.91
CA ASN B 249 5.57 3.14 23.19
C ASN B 249 4.07 2.97 23.22
N VAL B 250 3.62 1.80 22.72
CA VAL B 250 2.21 1.42 22.55
C VAL B 250 1.36 1.54 23.84
N GLU B 251 1.95 1.37 25.06
CA GLU B 251 1.19 1.53 26.32
C GLU B 251 0.51 2.90 26.41
N VAL B 252 1.09 3.92 25.74
CA VAL B 252 0.55 5.27 25.72
C VAL B 252 -0.86 5.30 25.06
N ALA B 253 -1.15 4.41 24.09
CA ALA B 253 -2.48 4.36 23.45
C ALA B 253 -3.59 4.12 24.52
N ASN B 254 -3.32 3.25 25.51
CA ASN B 254 -4.28 2.96 26.58
C ASN B 254 -4.39 4.13 27.53
N GLU B 255 -3.28 4.85 27.77
CA GLU B 255 -3.30 6.04 28.63
C GLU B 255 -4.20 7.13 27.98
N LEU B 256 -4.04 7.36 26.64
CA LEU B 256 -4.89 8.31 25.92
C LEU B 256 -6.37 7.92 26.02
N LYS B 257 -6.68 6.60 25.89
CA LYS B 257 -8.04 6.08 26.01
C LYS B 257 -8.59 6.40 27.41
N ARG B 258 -7.77 6.21 28.47
CA ARG B 258 -8.19 6.48 29.86
C ARG B 258 -8.45 7.98 30.08
N LEU B 259 -7.66 8.85 29.42
CA LEU B 259 -7.75 10.30 29.57
C LEU B 259 -8.87 10.96 28.77
N LEU B 260 -9.29 10.37 27.64
CA LEU B 260 -10.31 10.97 26.76
C LEU B 260 -11.67 10.34 26.95
N LYS B 261 -12.65 11.15 27.33
CA LYS B 261 -13.99 10.65 27.64
C LYS B 261 -14.74 9.99 26.47
N ASN B 262 -14.55 10.48 25.22
CA ASN B 262 -15.28 9.90 24.10
CA ASN B 262 -15.27 9.97 24.05
C ASN B 262 -14.34 9.23 23.09
N ALA B 263 -13.26 8.63 23.61
CA ALA B 263 -12.35 7.86 22.79
C ALA B 263 -12.89 6.43 22.63
N GLN B 264 -12.74 5.86 21.43
CA GLN B 264 -13.08 4.47 21.13
C GLN B 264 -11.92 3.56 21.59
N PRO B 265 -12.09 2.22 21.68
CA PRO B 265 -10.94 1.36 22.03
C PRO B 265 -9.80 1.53 21.01
N PRO B 266 -8.53 1.68 21.45
CA PRO B 266 -7.46 1.92 20.47
C PRO B 266 -7.28 0.75 19.51
N VAL B 267 -6.93 1.08 18.27
CA VAL B 267 -6.60 0.07 17.26
C VAL B 267 -5.09 -0.11 17.31
N ILE B 268 -4.62 -1.33 17.58
CA ILE B 268 -3.19 -1.61 17.66
C ILE B 268 -2.80 -2.48 16.47
N LEU B 269 -2.00 -1.91 15.56
CA LEU B 269 -1.56 -2.64 14.37
C LEU B 269 -0.29 -3.44 14.64
N GLU B 270 -0.39 -4.78 14.51
CA GLU B 270 0.79 -5.64 14.66
C GLU B 270 1.80 -5.37 13.55
N ASN B 271 3.11 -5.54 13.82
CA ASN B 271 4.18 -5.40 12.80
C ASN B 271 4.18 -4.02 12.11
N VAL B 272 3.87 -2.97 12.88
CA VAL B 272 3.83 -1.58 12.40
C VAL B 272 4.50 -0.73 13.47
N GLY B 273 5.28 0.26 13.05
CA GLY B 273 6.00 1.16 13.93
C GLY B 273 5.26 2.46 14.17
N HIS B 274 6.04 3.54 14.26
CA HIS B 274 5.54 4.87 14.61
C HIS B 274 4.74 5.55 13.50
N PRO B 276 2.05 4.40 11.00
CA PRO B 276 1.03 3.59 10.29
C PRO B 276 0.50 4.22 8.98
N ILE B 277 0.49 5.57 8.91
CA ILE B 277 -0.02 6.29 7.74
C ILE B 277 0.82 5.99 6.50
N LEU B 278 2.10 5.58 6.68
CA LEU B 278 2.94 5.19 5.52
C LEU B 278 3.21 3.68 5.52
N GLU B 279 3.15 3.02 6.69
CA GLU B 279 3.45 1.58 6.79
C GLU B 279 2.23 0.68 6.49
N ALA B 280 1.02 1.18 6.75
CA ALA B 280 -0.19 0.36 6.67
C ALA B 280 -1.43 1.21 6.39
N GLU B 281 -1.37 2.02 5.33
CA GLU B 281 -2.47 2.96 5.02
C GLU B 281 -3.81 2.28 4.78
N GLN B 282 -3.84 1.06 4.18
CA GLN B 282 -5.12 0.39 3.94
C GLN B 282 -5.75 -0.05 5.26
N LEU B 283 -4.91 -0.47 6.23
CA LEU B 283 -5.38 -0.89 7.57
C LEU B 283 -5.84 0.34 8.38
N VAL B 284 -5.17 1.50 8.18
CA VAL B 284 -5.57 2.75 8.83
C VAL B 284 -6.95 3.17 8.32
N ILE B 285 -7.13 3.16 6.98
CA ILE B 285 -8.38 3.54 6.33
C ILE B 285 -9.51 2.56 6.70
N GLN B 286 -9.18 1.26 6.85
CA GLN B 286 -10.17 0.25 7.25
C GLN B 286 -10.87 0.67 8.56
N GLN B 287 -10.15 1.35 9.47
CA GLN B 287 -10.69 1.85 10.73
C GLN B 287 -11.23 3.28 10.63
N TYR B 288 -10.51 4.17 9.98
CA TYR B 288 -10.87 5.59 9.95
C TYR B 288 -12.15 5.90 9.13
N VAL B 289 -12.33 5.30 7.94
CA VAL B 289 -13.52 5.57 7.11
C VAL B 289 -14.83 5.19 7.88
N PRO B 290 -14.97 4.01 8.52
CA PRO B 290 -16.20 3.73 9.29
C PRO B 290 -16.39 4.69 10.48
N PHE B 291 -15.26 5.14 11.11
CA PHE B 291 -15.30 6.09 12.23
C PHE B 291 -15.90 7.42 11.74
N LEU B 292 -15.37 7.97 10.62
CA LEU B 292 -15.86 9.23 10.03
C LEU B 292 -17.34 9.11 9.64
N LEU B 293 -17.74 7.96 9.07
CA LEU B 293 -19.14 7.77 8.68
C LEU B 293 -20.06 7.79 9.91
N LYS B 294 -19.63 7.14 11.00
CA LYS B 294 -20.38 7.06 12.26
C LYS B 294 -20.54 8.48 12.86
N VAL B 295 -19.46 9.28 12.88
CA VAL B 295 -19.50 10.67 13.39
C VAL B 295 -20.46 11.51 12.53
N GLU B 296 -20.38 11.36 11.19
CA GLU B 296 -21.23 12.10 10.26
C GLU B 296 -22.72 11.76 10.44
N THR B 297 -23.03 10.47 10.69
CA THR B 297 -24.40 9.96 10.88
C THR B 297 -24.96 10.43 12.22
N ASN B 298 -24.14 10.41 13.30
CA ASN B 298 -24.54 10.83 14.64
C ASN B 298 -24.77 12.36 14.71
N GLN B 299 -24.07 13.14 13.87
CA GLN B 299 -24.20 14.60 13.80
C GLN B 299 -25.49 14.99 13.09
#